data_7VU3
#
_entry.id   7VU3
#
_cell.length_a   73.240
_cell.length_b   73.240
_cell.length_c   213.460
_cell.angle_alpha   90.000
_cell.angle_beta   90.000
_cell.angle_gamma   90.000
#
_symmetry.space_group_name_H-M   'P 41 21 2'
#
loop_
_entity.id
_entity.type
_entity.pdbx_description
1 polymer Chitoporin
2 branched 2-acetamido-2-deoxy-beta-D-glucopyranose-(1-4)-2-acetamido-2-deoxy-beta-D-glucopyranose-(1-4)-2-acetamido-2-deoxy-beta-D-glucopyranose-(1-4)-2-acetamido-2-deoxy-beta-D-glucopyranose-(1-4)-2-acetamido-2-deoxy-beta-D-glucopyranose-(1-4)-2-acetamido-2-deoxy-beta-D-glucopyranose
3 non-polymer (HYDROXYETHYLOXY)TRI(ETHYLOXY)OCTANE
4 non-polymer 'CALCIUM ION'
5 water water
#
_entity_poly.entity_id   1
_entity_poly.type   'polypeptide(L)'
_entity_poly.pdbx_seq_one_letter_code
;AGFIDDSTLTGGIYYWQRERDRKDLNPDSKDYNQYTTNLSHSTANLSLDFASGYAWDMFGLDVGAFTAIELAESSASGHP
NEIAFSSKNRTYDEDYSGDKGGVSLYKAAAKFKYGPVWARAGYIQPSGQTLLAPHWSFMPGTYQGAEAGAKFDYGDAGAL
SFSYMWADKYKAPWHIEVDDFRQNDKKTRVSYLHSLGAKYDFKNDLVLEAAFGQAQGYVNQYFTKASYKFDVLGNPLTTS
YQFYGAEDRISDKNDPNSIYDGLAWLQALTFGYTTGQFNWRLEGTMVKAEGNQGFFLQRMTPTYASSNGRLDVWWDNRSD
FNANGEKAVYAGVMYDLSNWNLPGMAVGGSYVYAWDAKPSTNPIYDQSQRLKESAWSLDAMYTIQEGRAKGTLIKLHYTQ
YDNHTNIPSWGGGYGNIFQDEKDVKFMVIAPFTIF
;
_entity_poly.pdbx_strand_id   A
#
# COMPACT_ATOMS: atom_id res chain seq x y z
N ALA A 1 -3.88 -31.59 -15.88
CA ALA A 1 -3.98 -30.68 -17.06
C ALA A 1 -5.44 -30.47 -17.46
N GLY A 2 -5.87 -29.21 -17.44
CA GLY A 2 -7.22 -28.89 -17.86
C GLY A 2 -7.93 -27.89 -16.98
N PHE A 3 -9.10 -27.43 -17.44
CA PHE A 3 -9.87 -26.44 -16.71
C PHE A 3 -10.13 -26.90 -15.28
N ILE A 4 -10.71 -28.09 -15.12
CA ILE A 4 -11.13 -28.55 -13.80
C ILE A 4 -10.02 -29.30 -13.08
N ASP A 5 -9.16 -30.01 -13.81
CA ASP A 5 -8.19 -30.89 -13.16
C ASP A 5 -7.18 -30.11 -12.33
N ASP A 6 -6.86 -28.87 -12.71
CA ASP A 6 -5.91 -28.05 -11.98
C ASP A 6 -6.59 -26.97 -11.14
N SER A 7 -7.89 -27.12 -10.88
CA SER A 7 -8.60 -26.10 -10.12
C SER A 7 -8.06 -26.01 -8.70
N THR A 8 -8.07 -24.79 -8.16
CA THR A 8 -7.76 -24.54 -6.77
C THR A 8 -8.95 -23.85 -6.12
N LEU A 9 -9.23 -24.21 -4.87
CA LEU A 9 -10.28 -23.54 -4.09
C LEU A 9 -9.72 -23.29 -2.70
N THR A 10 -9.13 -22.12 -2.51
CA THR A 10 -8.56 -21.71 -1.24
C THR A 10 -9.42 -20.62 -0.62
N GLY A 11 -9.14 -20.36 0.65
CA GLY A 11 -9.79 -19.28 1.37
C GLY A 11 -8.92 -18.83 2.52
N GLY A 12 -9.52 -17.98 3.35
CA GLY A 12 -8.82 -17.49 4.53
C GLY A 12 -9.75 -16.95 5.59
N ILE A 13 -9.40 -17.17 6.85
CA ILE A 13 -10.04 -16.51 7.97
C ILE A 13 -9.12 -15.40 8.43
N TYR A 14 -9.69 -14.22 8.66
CA TYR A 14 -8.91 -13.07 9.09
C TYR A 14 -9.58 -12.43 10.30
N TYR A 15 -8.76 -12.06 11.29
CA TYR A 15 -9.23 -11.33 12.46
C TYR A 15 -8.34 -10.12 12.68
N TRP A 16 -8.96 -9.00 13.05
CA TRP A 16 -8.27 -7.73 13.17
C TRP A 16 -8.85 -6.97 14.36
N GLN A 17 -8.00 -6.66 15.33
CA GLN A 17 -8.37 -5.89 16.50
C GLN A 17 -7.43 -4.70 16.60
N ARG A 18 -7.97 -3.51 16.86
CA ARG A 18 -7.15 -2.32 16.82
C ARG A 18 -7.61 -1.30 17.85
N GLU A 19 -6.63 -0.56 18.38
CA GLU A 19 -6.86 0.59 19.25
C GLU A 19 -5.86 1.66 18.83
N ARG A 20 -6.36 2.84 18.45
CA ARG A 20 -5.49 3.93 18.02
C ARG A 20 -5.99 5.23 18.62
N ASP A 21 -5.12 5.90 19.37
CA ASP A 21 -5.44 7.17 20.02
C ASP A 21 -4.53 8.25 19.47
N ARG A 22 -5.07 9.47 19.39
CA ARG A 22 -4.38 10.58 18.74
C ARG A 22 -4.57 11.85 19.56
N LYS A 23 -3.51 12.67 19.61
CA LYS A 23 -3.56 13.92 20.36
C LYS A 23 -4.39 14.96 19.63
N ASP A 24 -5.20 15.71 20.37
CA ASP A 24 -5.94 16.84 19.85
C ASP A 24 -5.19 18.12 20.21
N LEU A 25 -4.73 18.84 19.20
CA LEU A 25 -3.98 20.07 19.40
C LEU A 25 -4.77 21.31 19.05
N ASN A 26 -6.07 21.19 18.80
CA ASN A 26 -6.92 22.37 18.64
C ASN A 26 -6.97 23.10 19.97
N PRO A 27 -6.55 24.38 20.04
CA PRO A 27 -6.34 24.99 21.36
C PRO A 27 -7.61 25.10 22.20
N ASP A 28 -8.75 25.39 21.59
CA ASP A 28 -10.00 25.58 22.32
C ASP A 28 -10.87 24.33 22.30
N SER A 29 -10.25 23.15 22.30
CA SER A 29 -10.95 21.89 22.47
C SER A 29 -10.94 21.48 23.94
N LYS A 30 -11.85 20.58 24.30
CA LYS A 30 -11.95 20.10 25.67
C LYS A 30 -10.94 18.99 25.98
N ASP A 31 -10.31 18.41 24.96
CA ASP A 31 -9.31 17.37 25.13
C ASP A 31 -7.90 17.87 24.84
N TYR A 32 -7.67 19.18 25.00
CA TYR A 32 -6.44 19.78 24.51
C TYR A 32 -5.21 19.10 25.09
N ASN A 33 -4.31 18.67 24.20
CA ASN A 33 -3.03 18.04 24.52
C ASN A 33 -3.17 16.65 25.12
N GLN A 34 -4.36 16.04 25.02
CA GLN A 34 -4.58 14.69 25.51
C GLN A 34 -4.80 13.75 24.33
N TYR A 35 -4.48 12.47 24.54
CA TYR A 35 -4.79 11.46 23.55
C TYR A 35 -6.28 11.16 23.56
N THR A 36 -6.88 11.12 22.38
CA THR A 36 -8.30 10.81 22.21
C THR A 36 -8.45 9.60 21.30
N THR A 37 -9.51 8.83 21.52
CA THR A 37 -9.72 7.63 20.74
C THR A 37 -10.05 7.99 19.29
N ASN A 38 -9.32 7.39 18.36
CA ASN A 38 -9.49 7.60 16.93
C ASN A 38 -10.06 6.38 16.23
N LEU A 39 -9.45 5.22 16.42
CA LEU A 39 -9.96 3.96 15.92
C LEU A 39 -10.00 2.93 17.04
N SER A 40 -11.07 2.15 17.09
CA SER A 40 -11.21 1.11 18.11
C SER A 40 -12.29 0.16 17.61
N HIS A 41 -11.88 -1.02 17.14
CA HIS A 41 -12.82 -1.94 16.53
C HIS A 41 -12.21 -3.34 16.47
N SER A 42 -13.09 -4.33 16.54
CA SER A 42 -12.75 -5.72 16.23
C SER A 42 -13.51 -6.13 14.98
N THR A 43 -12.79 -6.70 14.01
CA THR A 43 -13.37 -7.02 12.72
C THR A 43 -12.78 -8.31 12.18
N ALA A 44 -13.61 -9.10 11.50
CA ALA A 44 -13.19 -10.35 10.90
C ALA A 44 -13.54 -10.35 9.41
N ASN A 45 -12.72 -11.06 8.63
CA ASN A 45 -12.96 -11.23 7.20
C ASN A 45 -12.88 -12.70 6.83
N LEU A 46 -13.64 -13.08 5.81
CA LEU A 46 -13.64 -14.43 5.27
C LEU A 46 -13.58 -14.34 3.75
N SER A 47 -12.63 -15.04 3.14
CA SER A 47 -12.45 -14.99 1.70
C SER A 47 -12.49 -16.41 1.13
N LEU A 48 -12.89 -16.50 -0.13
CA LEU A 48 -12.99 -17.77 -0.84
C LEU A 48 -12.61 -17.52 -2.29
N ASP A 49 -11.65 -18.29 -2.80
CA ASP A 49 -11.04 -18.06 -4.11
C ASP A 49 -11.03 -19.34 -4.91
N PHE A 50 -11.73 -19.32 -6.05
CA PHE A 50 -11.66 -20.38 -7.04
C PHE A 50 -10.78 -19.92 -8.19
N ALA A 51 -9.84 -20.78 -8.60
CA ALA A 51 -8.95 -20.48 -9.72
C ALA A 51 -8.84 -21.72 -10.58
N SER A 52 -9.44 -21.67 -11.77
CA SER A 52 -9.42 -22.80 -12.67
C SER A 52 -8.02 -23.02 -13.24
N GLY A 53 -7.82 -24.20 -13.83
CA GLY A 53 -6.67 -24.42 -14.68
C GLY A 53 -6.86 -23.73 -16.02
N TYR A 54 -6.24 -24.25 -17.07
CA TYR A 54 -6.34 -23.67 -18.40
C TYR A 54 -6.90 -24.73 -19.35
N ALA A 55 -8.02 -24.41 -20.00
CA ALA A 55 -8.56 -25.26 -21.06
C ALA A 55 -7.75 -25.06 -22.32
N TRP A 56 -7.37 -26.17 -22.96
CA TRP A 56 -6.42 -26.12 -24.07
C TRP A 56 -5.14 -25.40 -23.66
N ASP A 57 -4.85 -25.42 -22.36
CA ASP A 57 -3.69 -24.72 -21.79
C ASP A 57 -3.64 -23.27 -22.27
N MET A 58 -4.80 -22.64 -22.45
CA MET A 58 -4.84 -21.27 -22.93
C MET A 58 -5.80 -20.40 -22.13
N PHE A 59 -7.02 -20.88 -21.87
CA PHE A 59 -8.06 -20.06 -21.26
C PHE A 59 -8.44 -20.62 -19.89
N GLY A 60 -8.62 -19.71 -18.93
CA GLY A 60 -9.08 -20.04 -17.60
C GLY A 60 -9.77 -18.84 -16.99
N LEU A 61 -10.26 -19.01 -15.76
CA LEU A 61 -10.93 -17.91 -15.09
C LEU A 61 -10.82 -18.04 -13.58
N ASP A 62 -10.80 -16.90 -12.90
CA ASP A 62 -10.75 -16.82 -11.45
C ASP A 62 -11.94 -16.03 -10.93
N VAL A 63 -12.58 -16.53 -9.88
CA VAL A 63 -13.61 -15.79 -9.17
C VAL A 63 -13.26 -15.80 -7.69
N GLY A 64 -13.59 -14.70 -7.02
CA GLY A 64 -13.29 -14.56 -5.60
C GLY A 64 -14.13 -13.50 -4.91
N ALA A 65 -14.63 -13.83 -3.72
CA ALA A 65 -15.41 -12.89 -2.91
C ALA A 65 -14.97 -13.01 -1.46
N PHE A 66 -15.26 -11.97 -0.69
CA PHE A 66 -14.99 -12.00 0.74
C PHE A 66 -16.08 -11.26 1.50
N THR A 67 -16.27 -11.68 2.74
CA THR A 67 -17.22 -11.09 3.67
C THR A 67 -16.48 -10.33 4.76
N ALA A 68 -17.18 -9.37 5.36
CA ALA A 68 -16.64 -8.62 6.49
C ALA A 68 -17.68 -8.58 7.59
N ILE A 69 -17.25 -8.88 8.82
CA ILE A 69 -18.14 -8.96 9.97
C ILE A 69 -17.59 -8.04 11.06
N GLU A 70 -18.42 -7.11 11.52
CA GLU A 70 -18.08 -6.21 12.61
C GLU A 70 -18.39 -6.90 13.93
N LEU A 71 -17.37 -7.08 14.77
CA LEU A 71 -17.52 -7.74 16.07
C LEU A 71 -17.66 -6.74 17.22
N ALA A 72 -16.93 -5.63 17.16
CA ALA A 72 -17.02 -4.61 18.20
C ALA A 72 -16.51 -3.30 17.64
N GLU A 73 -17.09 -2.21 18.12
CA GLU A 73 -16.61 -0.88 17.74
C GLU A 73 -17.10 0.13 18.77
N SER A 74 -16.24 1.10 19.07
CA SER A 74 -16.56 2.14 20.02
C SER A 74 -17.34 3.27 19.35
N SER A 75 -18.02 4.08 20.17
CA SER A 75 -18.73 5.23 19.66
C SER A 75 -17.76 6.24 19.03
N ALA A 76 -16.57 6.36 19.61
CA ALA A 76 -15.57 7.34 19.16
C ALA A 76 -14.69 6.79 18.05
N SER A 77 -15.01 5.63 17.49
CA SER A 77 -14.22 5.08 16.40
C SER A 77 -14.52 5.83 15.11
N GLY A 78 -13.49 6.38 14.48
CA GLY A 78 -13.65 7.04 13.21
C GLY A 78 -13.93 6.07 12.09
N HIS A 79 -14.26 6.62 10.91
CA HIS A 79 -14.64 5.81 9.76
C HIS A 79 -14.00 6.37 8.50
N PRO A 80 -13.71 5.52 7.51
CA PRO A 80 -13.81 4.05 7.58
C PRO A 80 -12.54 3.46 8.19
N ASN A 81 -12.63 2.27 8.79
CA ASN A 81 -11.46 1.61 9.36
C ASN A 81 -10.75 0.70 8.37
N GLU A 82 -11.26 0.57 7.16
CA GLU A 82 -10.62 -0.10 6.02
C GLU A 82 -10.60 -1.62 6.14
N ILE A 83 -11.07 -2.19 7.24
CA ILE A 83 -11.21 -3.64 7.37
C ILE A 83 -12.64 -4.07 7.10
N ALA A 84 -13.60 -3.46 7.81
CA ALA A 84 -15.00 -3.59 7.48
C ALA A 84 -15.31 -2.72 6.26
N PHE A 85 -16.57 -2.73 5.84
CA PHE A 85 -16.98 -1.95 4.67
C PHE A 85 -17.46 -0.57 5.07
N SER A 86 -17.15 0.41 4.24
CA SER A 86 -17.66 1.76 4.44
C SER A 86 -19.17 1.77 4.23
N SER A 87 -19.88 2.59 5.01
CA SER A 87 -21.33 2.63 4.91
C SER A 87 -21.77 3.14 3.54
N LYS A 88 -20.94 3.94 2.88
CA LYS A 88 -21.17 4.34 1.49
C LYS A 88 -20.43 3.39 0.56
N ASN A 89 -21.04 3.10 -0.58
CA ASN A 89 -20.61 1.97 -1.40
C ASN A 89 -19.56 2.32 -2.45
N ARG A 90 -19.32 3.60 -2.73
CA ARG A 90 -18.41 3.99 -3.79
C ARG A 90 -17.42 5.03 -3.30
N THR A 91 -16.29 5.10 -3.99
CA THR A 91 -15.22 6.04 -3.69
C THR A 91 -15.74 7.43 -3.40
N TYR A 92 -16.33 8.07 -4.40
CA TYR A 92 -16.67 9.48 -4.31
C TYR A 92 -18.00 9.75 -3.63
N ASP A 93 -18.58 8.74 -2.98
CA ASP A 93 -19.73 8.93 -2.10
C ASP A 93 -19.33 9.00 -0.63
N GLU A 94 -18.05 8.87 -0.33
CA GLU A 94 -17.61 8.65 1.05
C GLU A 94 -17.99 9.83 1.94
N ASP A 95 -18.77 9.55 2.99
CA ASP A 95 -19.13 10.54 3.99
C ASP A 95 -18.25 10.48 5.24
N TYR A 96 -17.42 9.45 5.39
CA TYR A 96 -16.72 9.18 6.64
C TYR A 96 -17.72 9.03 7.78
N SER A 97 -18.90 8.49 7.45
CA SER A 97 -20.04 8.42 8.36
C SER A 97 -20.01 7.16 9.23
N GLY A 98 -19.81 6.00 8.63
CA GLY A 98 -19.92 4.78 9.38
C GLY A 98 -19.28 3.59 8.69
N ASP A 99 -19.46 2.42 9.30
CA ASP A 99 -18.97 1.15 8.80
C ASP A 99 -20.10 0.14 8.83
N LYS A 100 -19.86 -1.03 8.24
CA LYS A 100 -20.88 -2.06 8.18
C LYS A 100 -20.24 -3.35 7.64
N GLY A 101 -20.97 -4.46 7.77
CA GLY A 101 -20.55 -5.72 7.21
C GLY A 101 -21.11 -5.90 5.80
N GLY A 102 -20.84 -7.07 5.25
CA GLY A 102 -21.38 -7.42 3.95
C GLY A 102 -20.43 -8.29 3.16
N VAL A 103 -20.66 -8.31 1.85
CA VAL A 103 -19.97 -9.22 0.94
C VAL A 103 -19.61 -8.46 -0.32
N SER A 104 -18.44 -8.76 -0.88
CA SER A 104 -17.95 -8.08 -2.07
C SER A 104 -17.30 -9.09 -3.01
N LEU A 105 -17.59 -8.94 -4.31
CA LEU A 105 -16.90 -9.70 -5.35
C LEU A 105 -15.64 -8.95 -5.71
N TYR A 106 -14.48 -9.51 -5.35
CA TYR A 106 -13.22 -8.81 -5.57
C TYR A 106 -12.35 -9.45 -6.64
N LYS A 107 -12.75 -10.59 -7.19
CA LYS A 107 -12.00 -11.24 -8.27
C LYS A 107 -13.00 -11.89 -9.21
N ALA A 108 -12.91 -11.54 -10.49
CA ALA A 108 -13.77 -12.12 -11.52
C ALA A 108 -13.06 -11.92 -12.86
N ALA A 109 -12.09 -12.78 -13.16
CA ALA A 109 -11.13 -12.51 -14.22
C ALA A 109 -11.01 -13.70 -15.15
N ALA A 110 -11.17 -13.45 -16.44
CA ALA A 110 -10.72 -14.38 -17.46
C ALA A 110 -9.22 -14.23 -17.62
N LYS A 111 -8.50 -15.34 -17.62
CA LYS A 111 -7.05 -15.32 -17.75
C LYS A 111 -6.64 -16.12 -18.99
N PHE A 112 -5.64 -15.59 -19.70
CA PHE A 112 -5.15 -16.16 -20.95
C PHE A 112 -3.65 -16.41 -20.81
N LYS A 113 -3.17 -17.43 -21.52
CA LYS A 113 -1.76 -17.81 -21.43
C LYS A 113 -1.41 -18.67 -22.63
N TYR A 114 -0.44 -18.24 -23.42
CA TYR A 114 0.06 -19.06 -24.51
C TYR A 114 1.48 -18.60 -24.84
N GLY A 115 2.39 -19.56 -24.97
CA GLY A 115 3.77 -19.26 -25.20
C GLY A 115 4.28 -18.27 -24.17
N PRO A 116 4.97 -17.22 -24.62
CA PRO A 116 5.46 -16.19 -23.69
C PRO A 116 4.48 -15.08 -23.37
N VAL A 117 3.20 -15.24 -23.70
CA VAL A 117 2.21 -14.18 -23.54
C VAL A 117 1.20 -14.61 -22.49
N TRP A 118 0.68 -13.62 -21.75
CA TRP A 118 -0.35 -13.84 -20.75
C TRP A 118 -1.27 -12.63 -20.71
N ALA A 119 -2.45 -12.81 -20.12
CA ALA A 119 -3.39 -11.70 -20.03
C ALA A 119 -4.49 -12.05 -19.02
N ARG A 120 -5.07 -11.00 -18.43
CA ARG A 120 -6.20 -11.10 -17.52
C ARG A 120 -7.19 -9.99 -17.85
N ALA A 121 -8.45 -10.20 -17.53
CA ALA A 121 -9.46 -9.19 -17.82
C ALA A 121 -10.70 -9.43 -16.98
N GLY A 122 -11.34 -8.33 -16.57
CA GLY A 122 -12.51 -8.39 -15.70
C GLY A 122 -12.32 -7.55 -14.46
N TYR A 123 -12.60 -8.13 -13.29
CA TYR A 123 -12.21 -7.55 -12.01
C TYR A 123 -10.88 -8.19 -11.62
N ILE A 124 -9.81 -7.40 -11.65
CA ILE A 124 -8.46 -7.93 -11.52
C ILE A 124 -7.66 -7.09 -10.52
N GLN A 125 -6.51 -7.63 -10.14
CA GLN A 125 -5.43 -6.91 -9.49
C GLN A 125 -4.23 -6.83 -10.41
N PRO A 126 -3.51 -5.72 -10.45
CA PRO A 126 -2.28 -5.66 -11.24
C PRO A 126 -1.31 -6.76 -10.80
N SER A 127 -0.73 -7.46 -11.78
CA SER A 127 0.14 -8.59 -11.51
C SER A 127 1.44 -8.58 -12.29
N GLY A 128 1.64 -7.64 -13.21
CA GLY A 128 2.85 -7.60 -14.01
C GLY A 128 3.89 -6.63 -13.49
N GLN A 129 4.31 -5.69 -14.35
CA GLN A 129 5.41 -4.77 -14.04
C GLN A 129 5.00 -3.31 -14.19
N THR A 130 3.71 -3.01 -14.12
CA THR A 130 3.26 -1.62 -14.18
C THR A 130 3.39 -0.96 -12.81
N LEU A 131 3.08 0.33 -12.75
CA LEU A 131 3.08 1.04 -11.47
C LEU A 131 1.69 1.13 -10.85
N LEU A 132 0.67 0.60 -11.52
CA LEU A 132 -0.63 0.44 -10.90
C LEU A 132 -0.57 -0.64 -9.82
N ALA A 133 -1.38 -0.47 -8.77
CA ALA A 133 -1.40 -1.39 -7.65
C ALA A 133 -2.73 -1.26 -6.95
N PRO A 134 -3.12 -2.26 -6.15
CA PRO A 134 -4.36 -2.14 -5.37
C PRO A 134 -4.09 -1.72 -3.93
N HIS A 135 -5.09 -1.16 -3.27
CA HIS A 135 -5.03 -1.04 -1.83
C HIS A 135 -5.09 -2.43 -1.21
N TRP A 136 -4.35 -2.62 -0.11
CA TRP A 136 -4.34 -3.88 0.61
C TRP A 136 -4.76 -3.65 2.05
N SER A 137 -5.85 -4.30 2.46
CA SER A 137 -6.16 -4.46 3.88
C SER A 137 -5.81 -5.90 4.26
N PHE A 138 -6.82 -6.73 4.53
CA PHE A 138 -6.62 -8.17 4.39
C PHE A 138 -6.74 -8.57 2.93
N MET A 139 -7.74 -8.04 2.26
CA MET A 139 -8.03 -8.29 0.85
C MET A 139 -7.57 -7.12 0.01
N PRO A 140 -7.29 -7.36 -1.27
CA PRO A 140 -6.90 -6.25 -2.15
C PRO A 140 -8.10 -5.57 -2.77
N GLY A 141 -7.91 -4.30 -3.12
CA GLY A 141 -8.84 -3.64 -4.01
C GLY A 141 -8.85 -4.30 -5.36
N THR A 142 -9.75 -3.84 -6.22
CA THR A 142 -9.91 -4.45 -7.53
C THR A 142 -10.19 -3.38 -8.57
N TYR A 143 -9.52 -3.51 -9.72
CA TYR A 143 -9.77 -2.66 -10.87
C TYR A 143 -10.69 -3.39 -11.84
N GLN A 144 -11.58 -2.65 -12.49
CA GLN A 144 -12.33 -3.15 -13.63
C GLN A 144 -11.52 -2.83 -14.89
N GLY A 145 -10.90 -3.83 -15.47
CA GLY A 145 -10.07 -3.61 -16.64
C GLY A 145 -9.34 -4.87 -17.05
N ALA A 146 -8.25 -4.68 -17.78
CA ALA A 146 -7.50 -5.78 -18.37
C ALA A 146 -6.01 -5.51 -18.23
N GLU A 147 -5.23 -6.59 -18.30
CA GLU A 147 -3.77 -6.50 -18.27
C GLU A 147 -3.22 -7.57 -19.19
N ALA A 148 -2.15 -7.22 -19.91
CA ALA A 148 -1.49 -8.13 -20.84
C ALA A 148 -0.01 -7.83 -20.83
N GLY A 149 0.78 -8.88 -21.10
CA GLY A 149 2.22 -8.72 -21.13
C GLY A 149 2.88 -9.93 -21.76
N ALA A 150 4.20 -9.90 -21.79
CA ALA A 150 4.98 -10.98 -22.37
C ALA A 150 6.38 -10.94 -21.78
N LYS A 151 7.16 -11.98 -22.08
CA LYS A 151 8.52 -12.12 -21.57
C LYS A 151 9.47 -12.41 -22.72
N PHE A 152 10.59 -11.70 -22.75
CA PHE A 152 11.67 -11.93 -23.70
C PHE A 152 12.79 -12.63 -22.94
N ASP A 153 12.95 -13.93 -23.15
CA ASP A 153 13.95 -14.71 -22.45
C ASP A 153 15.22 -14.78 -23.28
N TYR A 154 16.33 -14.29 -22.71
CA TYR A 154 17.64 -14.33 -23.35
C TYR A 154 18.53 -15.39 -22.73
N GLY A 155 17.92 -16.45 -22.19
CA GLY A 155 18.71 -17.51 -21.59
C GLY A 155 19.40 -17.02 -20.33
N ASP A 156 20.70 -17.27 -20.26
CA ASP A 156 21.50 -16.84 -19.12
C ASP A 156 21.93 -15.38 -19.22
N ALA A 157 21.62 -14.71 -20.33
CA ALA A 157 21.85 -13.28 -20.44
C ALA A 157 20.80 -12.46 -19.72
N GLY A 158 19.69 -13.07 -19.30
CA GLY A 158 18.67 -12.42 -18.53
C GLY A 158 17.30 -12.71 -19.09
N ALA A 159 16.34 -11.86 -18.73
CA ALA A 159 14.96 -12.02 -19.14
C ALA A 159 14.25 -10.69 -18.95
N LEU A 160 13.67 -10.14 -20.02
CA LEU A 160 12.90 -8.92 -19.95
C LEU A 160 11.42 -9.25 -19.88
N SER A 161 10.74 -8.71 -18.88
CA SER A 161 9.30 -8.81 -18.75
C SER A 161 8.70 -7.41 -18.86
N PHE A 162 7.70 -7.27 -19.73
CA PHE A 162 6.97 -6.02 -19.88
C PHE A 162 5.48 -6.30 -19.70
N SER A 163 4.73 -5.25 -19.40
CA SER A 163 3.32 -5.42 -19.11
C SER A 163 2.60 -4.09 -19.29
N TYR A 164 1.34 -4.17 -19.74
CA TYR A 164 0.47 -3.03 -19.90
C TYR A 164 -0.87 -3.32 -19.25
N MET A 165 -1.40 -2.35 -18.51
CA MET A 165 -2.69 -2.48 -17.86
C MET A 165 -3.54 -1.26 -18.12
N TRP A 166 -4.85 -1.47 -18.18
CA TRP A 166 -5.83 -0.42 -18.42
C TRP A 166 -7.04 -0.68 -17.54
N ALA A 167 -7.60 0.40 -16.98
CA ALA A 167 -8.77 0.27 -16.10
C ALA A 167 -9.55 1.57 -16.11
N ASP A 168 -10.87 1.44 -15.98
CA ASP A 168 -11.78 2.58 -15.95
C ASP A 168 -12.56 2.71 -14.65
N LYS A 169 -12.54 1.71 -13.78
CA LYS A 169 -13.19 1.79 -12.47
C LYS A 169 -12.26 1.14 -11.45
N TYR A 170 -12.51 1.43 -10.18
CA TYR A 170 -11.72 0.85 -9.11
C TYR A 170 -12.56 0.79 -7.83
N LYS A 171 -12.14 -0.11 -6.94
CA LYS A 171 -12.87 -0.38 -5.71
C LYS A 171 -11.86 -0.79 -4.64
N ALA A 172 -11.76 -0.01 -3.57
CA ALA A 172 -10.88 -0.37 -2.47
C ALA A 172 -11.52 -1.51 -1.66
N PRO A 173 -10.71 -2.23 -0.87
CA PRO A 173 -11.27 -3.34 -0.09
C PRO A 173 -12.47 -2.97 0.75
N TRP A 174 -12.51 -1.74 1.28
CA TRP A 174 -13.60 -1.29 2.14
C TRP A 174 -14.73 -0.64 1.34
N HIS A 175 -14.83 -0.93 0.05
CA HIS A 175 -15.97 -0.56 -0.77
C HIS A 175 -16.51 -1.80 -1.46
N ILE A 176 -17.84 -1.88 -1.58
CA ILE A 176 -18.48 -3.02 -2.22
C ILE A 176 -18.69 -2.83 -3.72
N GLU A 177 -18.51 -1.60 -4.22
CA GLU A 177 -18.92 -1.25 -5.57
C GLU A 177 -17.86 -0.37 -6.22
N VAL A 178 -17.57 -0.63 -7.49
CA VAL A 178 -16.55 0.12 -8.21
C VAL A 178 -17.11 1.48 -8.61
N ASP A 179 -16.21 2.45 -8.78
CA ASP A 179 -16.59 3.80 -9.19
C ASP A 179 -15.55 4.33 -10.16
N ASP A 180 -15.94 5.37 -10.90
CA ASP A 180 -15.08 5.97 -11.90
C ASP A 180 -13.92 6.72 -11.24
N PHE A 181 -13.06 7.29 -12.07
CA PHE A 181 -11.94 8.09 -11.62
C PHE A 181 -12.23 9.57 -11.84
N ARG A 182 -11.69 10.41 -10.94
CA ARG A 182 -11.93 11.85 -11.02
C ARG A 182 -10.71 12.59 -10.51
N GLN A 183 -10.73 13.90 -10.68
CA GLN A 183 -9.62 14.76 -10.32
C GLN A 183 -9.73 15.18 -8.86
N ASN A 184 -8.85 16.09 -8.43
CA ASN A 184 -8.84 16.50 -7.03
C ASN A 184 -10.16 17.13 -6.61
N ASP A 185 -10.87 17.74 -7.55
CA ASP A 185 -12.17 18.34 -7.23
C ASP A 185 -13.26 17.31 -7.01
N LYS A 186 -12.99 16.02 -7.22
CA LYS A 186 -13.96 14.96 -7.06
C LYS A 186 -15.15 15.14 -7.99
N LYS A 187 -14.99 15.95 -9.03
CA LYS A 187 -16.03 16.21 -10.03
C LYS A 187 -15.55 15.85 -11.43
N THR A 188 -14.48 16.49 -11.90
CA THR A 188 -14.04 16.29 -13.28
C THR A 188 -13.65 14.84 -13.51
N ARG A 189 -14.17 14.27 -14.58
CA ARG A 189 -14.03 12.83 -14.82
C ARG A 189 -12.65 12.50 -15.37
N VAL A 190 -12.11 11.37 -14.93
CA VAL A 190 -10.89 10.79 -15.48
C VAL A 190 -11.30 9.50 -16.19
N SER A 191 -11.13 9.48 -17.51
CA SER A 191 -11.68 8.40 -18.31
C SER A 191 -11.07 7.06 -17.94
N TYR A 192 -9.74 6.99 -17.85
CA TYR A 192 -9.09 5.72 -17.62
C TYR A 192 -7.74 5.95 -16.92
N LEU A 193 -7.27 4.90 -16.24
CA LEU A 193 -5.88 4.78 -15.84
C LEU A 193 -5.25 3.68 -16.67
N HIS A 194 -3.99 3.89 -17.06
CA HIS A 194 -3.24 2.85 -17.75
C HIS A 194 -1.75 3.06 -17.51
N SER A 195 -1.00 1.97 -17.58
CA SER A 195 0.42 2.01 -17.29
C SER A 195 1.16 0.94 -18.08
N LEU A 196 2.36 1.27 -18.52
CA LEU A 196 3.28 0.33 -19.15
C LEU A 196 4.52 0.24 -18.27
N GLY A 197 5.02 -0.98 -18.08
CA GLY A 197 6.17 -1.19 -17.23
C GLY A 197 6.89 -2.47 -17.57
N ALA A 198 8.17 -2.51 -17.21
CA ALA A 198 9.02 -3.64 -17.57
C ALA A 198 10.01 -3.95 -16.45
N LYS A 199 10.62 -5.12 -16.56
CA LYS A 199 11.61 -5.60 -15.61
C LYS A 199 12.65 -6.40 -16.37
N TYR A 200 13.92 -6.16 -16.07
CA TYR A 200 15.00 -6.98 -16.61
C TYR A 200 15.68 -7.70 -15.45
N ASP A 201 15.64 -9.02 -15.46
CA ASP A 201 16.29 -9.85 -14.46
C ASP A 201 17.53 -10.47 -15.09
N PHE A 202 18.71 -10.08 -14.59
CA PHE A 202 19.96 -10.63 -15.11
C PHE A 202 20.19 -12.07 -14.66
N LYS A 203 19.47 -12.52 -13.64
CA LYS A 203 19.69 -13.84 -13.04
C LYS A 203 21.07 -13.95 -12.42
N ASN A 204 21.58 -12.83 -11.89
CA ASN A 204 22.75 -12.80 -11.03
C ASN A 204 22.50 -11.90 -9.83
N ASP A 205 21.23 -11.81 -9.41
CA ASP A 205 20.79 -10.99 -8.29
C ASP A 205 20.88 -9.49 -8.60
N LEU A 206 20.84 -9.11 -9.87
CA LEU A 206 20.67 -7.72 -10.29
C LEU A 206 19.37 -7.60 -11.06
N VAL A 207 18.53 -6.66 -10.67
CA VAL A 207 17.21 -6.48 -11.27
C VAL A 207 16.97 -5.01 -11.53
N LEU A 208 16.50 -4.69 -12.73
CA LEU A 208 16.16 -3.32 -13.12
C LEU A 208 14.68 -3.29 -13.46
N GLU A 209 13.95 -2.40 -12.80
CA GLU A 209 12.52 -2.24 -13.00
C GLU A 209 12.22 -0.78 -13.37
N ALA A 210 11.21 -0.59 -14.20
CA ALA A 210 10.80 0.74 -14.60
C ALA A 210 9.37 0.68 -15.14
N ALA A 211 8.64 1.75 -14.93
CA ALA A 211 7.25 1.82 -15.36
C ALA A 211 6.81 3.28 -15.41
N PHE A 212 5.93 3.60 -16.35
CA PHE A 212 5.28 4.90 -16.41
C PHE A 212 3.78 4.69 -16.59
N GLY A 213 3.00 5.67 -16.15
CA GLY A 213 1.56 5.56 -16.17
C GLY A 213 0.91 6.91 -16.36
N GLN A 214 -0.41 6.89 -16.42
CA GLN A 214 -1.17 8.07 -16.81
C GLN A 214 -2.59 7.96 -16.26
N ALA A 215 -3.08 9.07 -15.69
CA ALA A 215 -4.51 9.27 -15.46
C ALA A 215 -5.02 10.18 -16.58
N GLN A 216 -5.95 9.66 -17.38
CA GLN A 216 -6.39 10.31 -18.61
C GLN A 216 -6.51 11.82 -18.45
N GLY A 217 -5.70 12.55 -19.21
CA GLY A 217 -5.81 13.99 -19.27
C GLY A 217 -5.51 14.73 -18.00
N TYR A 218 -4.78 14.12 -17.06
CA TYR A 218 -4.62 14.72 -15.74
C TYR A 218 -3.22 14.56 -15.17
N VAL A 219 -2.81 13.34 -14.86
CA VAL A 219 -1.58 13.09 -14.12
C VAL A 219 -0.69 12.11 -14.88
N ASN A 220 0.62 12.32 -14.79
CA ASN A 220 1.62 11.41 -15.34
C ASN A 220 2.49 10.91 -14.20
N GLN A 221 2.72 9.60 -14.16
CA GLN A 221 3.44 8.97 -13.05
C GLN A 221 4.60 8.17 -13.61
N TYR A 222 5.68 8.09 -12.81
CA TYR A 222 6.89 7.38 -13.21
C TYR A 222 7.42 6.56 -12.06
N PHE A 223 8.15 5.49 -12.39
CA PHE A 223 8.73 4.58 -11.41
C PHE A 223 9.97 3.92 -12.01
N THR A 224 11.05 3.87 -11.23
CA THR A 224 12.22 3.09 -11.58
C THR A 224 12.76 2.44 -10.32
N LYS A 225 13.57 1.39 -10.51
CA LYS A 225 14.13 0.67 -9.38
C LYS A 225 15.31 -0.15 -9.86
N ALA A 226 16.33 -0.24 -9.02
CA ALA A 226 17.50 -1.05 -9.28
C ALA A 226 17.88 -1.73 -7.97
N SER A 227 17.86 -3.06 -7.95
CA SER A 227 18.13 -3.82 -6.74
C SER A 227 19.23 -4.84 -7.02
N TYR A 228 20.12 -5.00 -6.05
CA TYR A 228 21.26 -5.89 -6.22
C TYR A 228 21.65 -6.49 -4.88
N LYS A 229 21.93 -7.79 -4.88
CA LYS A 229 22.30 -8.54 -3.68
C LYS A 229 23.71 -9.10 -3.87
N PHE A 230 24.64 -8.66 -3.03
CA PHE A 230 26.00 -9.18 -3.03
C PHE A 230 26.43 -9.44 -1.59
N ASP A 231 27.65 -9.95 -1.43
CA ASP A 231 28.13 -10.44 -0.15
C ASP A 231 29.09 -9.45 0.49
N VAL A 232 28.94 -9.27 1.81
CA VAL A 232 29.85 -8.47 2.63
C VAL A 232 30.16 -9.33 3.85
N LEU A 233 31.38 -9.86 3.91
CA LEU A 233 31.80 -10.79 4.95
C LEU A 233 31.05 -12.12 4.86
N GLY A 234 30.57 -12.46 3.67
CA GLY A 234 29.91 -13.74 3.47
C GLY A 234 28.47 -13.79 3.95
N ASN A 235 27.70 -12.74 3.71
CA ASN A 235 26.30 -12.69 4.10
C ASN A 235 25.50 -11.94 3.04
N PRO A 236 24.25 -12.33 2.80
CA PRO A 236 23.44 -11.63 1.78
C PRO A 236 23.08 -10.21 2.18
N LEU A 237 23.67 -9.23 1.50
CA LEU A 237 23.37 -7.82 1.73
C LEU A 237 22.56 -7.32 0.54
N THR A 238 21.26 -7.10 0.77
CA THR A 238 20.37 -6.62 -0.28
C THR A 238 20.41 -5.10 -0.36
N THR A 239 20.29 -4.58 -1.58
CA THR A 239 20.37 -3.16 -1.84
C THR A 239 19.35 -2.79 -2.90
N SER A 240 18.88 -1.54 -2.85
CA SER A 240 17.97 -1.06 -3.89
C SER A 240 17.92 0.46 -3.87
N TYR A 241 18.07 1.06 -5.04
CA TYR A 241 17.70 2.44 -5.27
C TYR A 241 16.32 2.48 -5.90
N GLN A 242 15.53 3.50 -5.55
CA GLN A 242 14.17 3.63 -6.04
C GLN A 242 13.87 5.08 -6.34
N PHE A 243 13.02 5.28 -7.35
CA PHE A 243 12.57 6.60 -7.75
C PHE A 243 11.09 6.54 -8.09
N TYR A 244 10.35 7.54 -7.62
CA TYR A 244 8.93 7.67 -7.90
C TYR A 244 8.66 9.13 -8.29
N GLY A 245 7.98 9.33 -9.41
CA GLY A 245 7.75 10.66 -9.92
C GLY A 245 6.31 10.86 -10.33
N ALA A 246 5.89 12.14 -10.35
CA ALA A 246 4.52 12.48 -10.71
C ALA A 246 4.46 13.91 -11.21
N GLU A 247 3.60 14.14 -12.20
CA GLU A 247 3.31 15.46 -12.73
C GLU A 247 1.80 15.59 -12.90
N ASP A 248 1.32 16.83 -12.95
CA ASP A 248 -0.05 17.09 -13.35
C ASP A 248 -0.05 17.91 -14.64
N ARG A 249 -1.20 17.97 -15.28
CA ARG A 249 -1.37 18.66 -16.55
C ARG A 249 -2.37 19.80 -16.42
N ILE A 250 -2.29 20.54 -15.31
CA ILE A 250 -3.17 21.66 -15.03
C ILE A 250 -2.33 22.92 -15.09
N SER A 251 -2.56 23.75 -16.11
CA SER A 251 -1.77 24.96 -16.29
C SER A 251 -1.86 25.87 -15.06
N ASP A 252 -3.07 26.08 -14.55
CA ASP A 252 -3.32 27.10 -13.53
C ASP A 252 -3.00 26.55 -12.15
N LYS A 253 -2.12 27.25 -11.42
CA LYS A 253 -1.73 26.80 -10.08
C LYS A 253 -2.87 26.98 -9.08
N ASN A 254 -3.77 27.93 -9.31
CA ASN A 254 -4.87 28.20 -8.39
C ASN A 254 -6.09 27.32 -8.66
N ASP A 255 -6.15 26.64 -9.80
CA ASP A 255 -7.20 25.67 -10.05
C ASP A 255 -7.26 24.68 -8.88
N PRO A 256 -8.44 24.36 -8.36
CA PRO A 256 -8.52 23.36 -7.28
C PRO A 256 -7.97 22.00 -7.68
N ASN A 257 -7.76 21.74 -8.97
CA ASN A 257 -7.28 20.45 -9.42
C ASN A 257 -5.77 20.38 -9.56
N SER A 258 -5.07 21.50 -9.54
CA SER A 258 -3.61 21.51 -9.64
C SER A 258 -3.02 21.04 -8.32
N ILE A 259 -2.26 19.96 -8.36
CA ILE A 259 -1.71 19.35 -7.15
C ILE A 259 -0.19 19.38 -7.09
N TYR A 260 0.50 19.47 -8.21
CA TYR A 260 1.95 19.51 -8.23
C TYR A 260 2.43 20.71 -9.03
N ASP A 261 3.56 21.29 -8.60
CA ASP A 261 4.29 22.28 -9.38
C ASP A 261 5.53 21.59 -9.93
N GLY A 262 5.58 21.43 -11.25
CA GLY A 262 6.70 20.71 -11.83
C GLY A 262 6.68 19.24 -11.45
N LEU A 263 7.87 18.66 -11.36
CA LEU A 263 8.02 17.24 -11.09
C LEU A 263 8.11 17.00 -9.59
N ALA A 264 7.14 16.28 -9.04
CA ALA A 264 7.20 15.78 -7.67
C ALA A 264 7.82 14.39 -7.69
N TRP A 265 8.71 14.11 -6.72
CA TRP A 265 9.37 12.82 -6.72
C TRP A 265 9.72 12.37 -5.30
N LEU A 266 9.75 11.05 -5.13
CA LEU A 266 10.24 10.39 -3.93
C LEU A 266 11.39 9.47 -4.35
N GLN A 267 12.55 9.65 -3.73
CA GLN A 267 13.71 8.82 -3.97
C GLN A 267 14.07 8.07 -2.69
N ALA A 268 14.50 6.82 -2.83
CA ALA A 268 14.75 5.97 -1.67
C ALA A 268 15.96 5.08 -1.91
N LEU A 269 16.70 4.83 -0.84
CA LEU A 269 17.83 3.93 -0.84
C LEU A 269 17.65 2.93 0.30
N THR A 270 17.74 1.64 0.01
CA THR A 270 17.48 0.59 0.98
C THR A 270 18.71 -0.31 1.16
N PHE A 271 18.88 -0.81 2.37
CA PHE A 271 19.91 -1.79 2.67
C PHE A 271 19.33 -2.86 3.58
N GLY A 272 19.57 -4.12 3.24
CA GLY A 272 19.19 -5.23 4.08
C GLY A 272 20.37 -6.16 4.30
N TYR A 273 20.41 -6.76 5.49
CA TYR A 273 21.56 -7.58 5.89
C TYR A 273 21.08 -8.57 6.94
N THR A 274 21.53 -9.81 6.83
CA THR A 274 21.07 -10.90 7.70
C THR A 274 22.29 -11.61 8.28
N THR A 275 22.64 -11.26 9.51
CA THR A 275 23.70 -11.94 10.25
C THR A 275 23.06 -12.89 11.26
N GLY A 276 23.29 -14.18 11.08
CA GLY A 276 22.72 -15.18 11.97
C GLY A 276 21.22 -15.10 12.07
N GLN A 277 20.71 -14.69 13.24
CA GLN A 277 19.28 -14.62 13.49
C GLN A 277 18.72 -13.21 13.35
N PHE A 278 19.57 -12.20 13.20
CA PHE A 278 19.13 -10.81 13.15
C PHE A 278 18.98 -10.37 11.69
N ASN A 279 17.77 -9.96 11.32
CA ASN A 279 17.52 -9.26 10.06
C ASN A 279 17.56 -7.76 10.31
N TRP A 280 18.52 -7.08 9.71
CA TRP A 280 18.64 -5.63 9.83
C TRP A 280 18.12 -4.96 8.57
N ARG A 281 17.48 -3.80 8.75
CA ARG A 281 17.03 -2.97 7.64
C ARG A 281 17.47 -1.54 7.89
N LEU A 282 18.01 -0.88 6.87
CA LEU A 282 18.38 0.53 6.94
C LEU A 282 17.97 1.19 5.64
N GLU A 283 17.06 2.16 5.73
CA GLU A 283 16.47 2.78 4.55
C GLU A 283 16.25 4.27 4.81
N GLY A 284 16.22 5.04 3.73
CA GLY A 284 16.03 6.48 3.84
C GLY A 284 15.39 7.04 2.60
N THR A 285 14.58 8.08 2.77
CA THR A 285 13.84 8.70 1.68
C THR A 285 14.11 10.20 1.63
N MET A 286 13.83 10.76 0.46
CA MET A 286 13.82 12.20 0.25
C MET A 286 12.69 12.53 -0.71
N VAL A 287 11.95 13.61 -0.43
CA VAL A 287 10.75 13.96 -1.18
C VAL A 287 10.86 15.40 -1.65
N LYS A 288 10.34 15.65 -2.86
CA LYS A 288 10.05 16.99 -3.34
C LYS A 288 8.63 16.98 -3.87
N ALA A 289 7.81 17.89 -3.38
CA ALA A 289 6.39 17.94 -3.75
C ALA A 289 5.90 19.38 -3.67
N GLU A 290 6.45 20.24 -4.52
CA GLU A 290 5.95 21.60 -4.63
C GLU A 290 4.56 21.56 -5.25
N GLY A 291 3.71 22.51 -4.84
CA GLY A 291 2.37 22.62 -5.35
C GLY A 291 1.35 22.65 -4.24
N ASN A 292 0.08 22.55 -4.61
CA ASN A 292 -1.01 22.72 -3.64
C ASN A 292 -1.10 21.55 -2.68
N GLN A 293 -0.79 20.33 -3.15
CA GLN A 293 -0.93 19.16 -2.30
C GLN A 293 0.08 19.19 -1.15
N GLY A 294 1.36 19.38 -1.48
CA GLY A 294 2.40 19.48 -0.47
C GLY A 294 3.00 18.16 -0.04
N PHE A 295 2.54 17.04 -0.60
CA PHE A 295 3.09 15.74 -0.26
C PHE A 295 2.99 14.85 -1.49
N PHE A 296 3.90 13.89 -1.59
CA PHE A 296 3.97 13.01 -2.75
C PHE A 296 3.05 11.81 -2.56
N LEU A 297 2.31 11.48 -3.62
CA LEU A 297 1.43 10.32 -3.65
C LEU A 297 1.91 9.36 -4.74
N GLN A 298 1.88 8.06 -4.42
CA GLN A 298 2.20 7.06 -5.42
C GLN A 298 1.02 6.75 -6.33
N ARG A 299 -0.20 7.06 -5.91
CA ARG A 299 -1.38 6.85 -6.73
C ARG A 299 -1.60 8.05 -7.65
N MET A 300 -2.21 7.78 -8.80
CA MET A 300 -2.37 8.80 -9.84
C MET A 300 -3.66 9.59 -9.72
N THR A 301 -4.63 9.12 -8.92
CA THR A 301 -5.79 9.93 -8.58
C THR A 301 -5.68 10.34 -7.12
N PRO A 302 -5.79 11.64 -6.80
CA PRO A 302 -5.44 12.09 -5.45
C PRO A 302 -6.51 11.85 -4.39
N THR A 303 -7.73 11.50 -4.77
CA THR A 303 -8.78 11.29 -3.77
C THR A 303 -8.55 10.00 -3.00
N TYR A 304 -8.79 10.05 -1.69
CA TYR A 304 -8.69 8.88 -0.84
C TYR A 304 -9.48 7.71 -1.42
N ALA A 305 -8.80 6.58 -1.61
CA ALA A 305 -9.36 5.29 -2.01
C ALA A 305 -9.69 5.20 -3.50
N SER A 306 -9.41 6.23 -4.30
CA SER A 306 -9.83 6.19 -5.70
C SER A 306 -8.97 5.24 -6.52
N SER A 307 -7.72 5.03 -6.13
CA SER A 307 -6.84 4.07 -6.78
C SER A 307 -5.58 4.00 -5.93
N ASN A 308 -4.65 3.13 -6.34
CA ASN A 308 -3.39 2.99 -5.63
C ASN A 308 -2.28 2.76 -6.65
N GLY A 309 -1.04 3.04 -6.21
CA GLY A 309 0.11 2.89 -7.06
C GLY A 309 1.22 2.14 -6.34
N ARG A 310 2.15 1.61 -7.12
CA ARG A 310 3.23 0.82 -6.57
C ARG A 310 4.16 1.68 -5.73
N LEU A 311 4.53 1.15 -4.55
CA LEU A 311 5.47 1.83 -3.67
C LEU A 311 6.12 0.77 -2.78
N ASP A 312 7.38 0.45 -3.05
CA ASP A 312 8.06 -0.64 -2.36
C ASP A 312 8.58 -0.25 -0.98
N VAL A 313 8.39 0.99 -0.55
CA VAL A 313 8.89 1.46 0.73
C VAL A 313 7.71 1.56 1.69
N TRP A 314 7.66 0.63 2.65
CA TRP A 314 6.65 0.66 3.70
C TRP A 314 7.34 0.34 5.02
N TRP A 315 7.26 1.28 5.97
CA TRP A 315 7.92 1.15 7.26
C TRP A 315 6.96 0.82 8.39
N ASP A 316 5.65 0.79 8.11
CA ASP A 316 4.65 0.42 9.10
C ASP A 316 4.85 1.20 10.40
N ASN A 317 5.18 2.48 10.28
CA ASN A 317 5.30 3.39 11.41
C ASN A 317 4.28 4.53 11.30
N ARG A 318 3.09 4.18 10.80
CA ARG A 318 1.92 5.07 10.76
C ARG A 318 2.06 6.19 9.74
N SER A 319 2.99 7.10 9.98
CA SER A 319 3.15 8.24 9.08
C SER A 319 3.76 7.78 7.76
N ASP A 320 3.35 8.45 6.68
CA ASP A 320 3.89 8.13 5.36
C ASP A 320 5.21 8.83 5.09
N PHE A 321 5.58 9.83 5.88
CA PHE A 321 6.84 10.55 5.73
C PHE A 321 7.07 10.96 4.28
N ASN A 322 6.08 11.66 3.70
CA ASN A 322 6.12 12.02 2.29
C ASN A 322 5.79 13.49 2.08
N ALA A 323 6.15 14.35 3.02
CA ALA A 323 5.89 15.77 2.88
C ALA A 323 6.96 16.45 2.02
N ASN A 324 6.55 17.54 1.38
CA ASN A 324 7.47 18.32 0.55
C ASN A 324 8.76 18.62 1.30
N GLY A 325 9.89 18.27 0.70
CA GLY A 325 11.19 18.54 1.26
C GLY A 325 11.60 17.62 2.39
N GLU A 326 10.81 16.62 2.73
CA GLU A 326 11.07 15.80 3.91
C GLU A 326 12.12 14.76 3.62
N LYS A 327 13.09 14.64 4.53
CA LYS A 327 14.02 13.53 4.55
C LYS A 327 13.68 12.64 5.74
N ALA A 328 13.92 11.33 5.59
CA ALA A 328 13.62 10.39 6.65
C ALA A 328 14.58 9.22 6.58
N VAL A 329 15.01 8.73 7.73
CA VAL A 329 15.89 7.58 7.84
C VAL A 329 15.20 6.53 8.70
N TYR A 330 15.24 5.28 8.25
CA TYR A 330 14.57 4.17 8.90
C TYR A 330 15.59 3.10 9.26
N ALA A 331 15.41 2.50 10.43
CA ALA A 331 16.28 1.42 10.89
C ALA A 331 15.45 0.45 11.70
N GLY A 332 15.44 -0.83 11.28
CA GLY A 332 14.68 -1.85 11.97
C GLY A 332 15.48 -3.12 12.13
N VAL A 333 14.96 -4.01 12.97
CA VAL A 333 15.57 -5.31 13.17
C VAL A 333 14.50 -6.30 13.63
N MET A 334 14.47 -7.47 13.01
CA MET A 334 13.68 -8.60 13.49
C MET A 334 14.62 -9.70 13.93
N TYR A 335 14.31 -10.32 15.07
CA TYR A 335 15.16 -11.32 15.70
C TYR A 335 14.43 -12.65 15.71
N ASP A 336 14.92 -13.61 14.92
CA ASP A 336 14.33 -14.94 14.88
C ASP A 336 14.59 -15.66 16.20
N LEU A 337 13.52 -16.19 16.81
CA LEU A 337 13.61 -16.87 18.09
C LEU A 337 13.72 -18.39 17.94
N SER A 338 14.28 -18.86 16.82
CA SER A 338 14.46 -20.29 16.63
C SER A 338 15.54 -20.85 17.53
N ASN A 339 16.59 -20.05 17.81
CA ASN A 339 17.66 -20.50 18.69
C ASN A 339 17.30 -20.37 20.16
N TRP A 340 16.20 -19.69 20.49
CA TRP A 340 15.56 -19.85 21.78
C TRP A 340 14.66 -21.07 21.83
N ASN A 341 14.61 -21.86 20.75
CA ASN A 341 13.72 -23.00 20.63
C ASN A 341 12.26 -22.54 20.57
N LEU A 342 12.01 -21.51 19.77
CA LEU A 342 10.66 -21.06 19.44
C LEU A 342 10.58 -20.82 17.94
N PRO A 343 10.64 -21.89 17.14
CA PRO A 343 10.58 -21.71 15.68
C PRO A 343 9.25 -21.13 15.24
N GLY A 344 9.31 -20.29 14.21
CA GLY A 344 8.16 -19.57 13.74
C GLY A 344 7.87 -18.28 14.46
N MET A 345 8.63 -17.96 15.49
CA MET A 345 8.45 -16.76 16.29
C MET A 345 9.51 -15.72 15.92
N ALA A 346 9.13 -14.45 16.00
CA ALA A 346 10.05 -13.37 15.70
C ALA A 346 9.60 -12.10 16.40
N VAL A 347 10.57 -11.36 16.95
CA VAL A 347 10.32 -10.07 17.58
C VAL A 347 11.26 -9.04 16.95
N GLY A 348 10.76 -7.83 16.78
CA GLY A 348 11.59 -6.79 16.18
C GLY A 348 11.07 -5.41 16.52
N GLY A 349 11.80 -4.40 16.06
CA GLY A 349 11.47 -3.02 16.32
C GLY A 349 11.90 -2.14 15.18
N SER A 350 11.46 -0.88 15.25
CA SER A 350 11.70 0.08 14.18
C SER A 350 11.87 1.46 14.77
N TYR A 351 12.57 2.31 14.04
CA TYR A 351 12.72 3.71 14.41
C TYR A 351 12.80 4.53 13.13
N VAL A 352 12.04 5.63 13.09
CA VAL A 352 12.05 6.56 11.96
C VAL A 352 12.38 7.95 12.50
N TYR A 353 13.28 8.65 11.81
CA TYR A 353 13.61 10.03 12.13
C TYR A 353 13.49 10.84 10.85
N ALA A 354 12.60 11.83 10.87
CA ALA A 354 12.34 12.66 9.71
C ALA A 354 12.55 14.13 10.05
N TRP A 355 13.02 14.90 9.07
CA TRP A 355 13.31 16.30 9.29
C TRP A 355 13.20 17.05 7.97
N ASP A 356 13.20 18.38 8.06
CA ASP A 356 13.22 19.26 6.90
C ASP A 356 11.89 19.24 6.15
N ALA A 357 10.79 18.94 6.83
CA ALA A 357 9.48 18.81 6.19
C ALA A 357 8.84 20.19 6.03
N LYS A 358 8.58 20.58 4.80
CA LYS A 358 7.98 21.85 4.46
C LYS A 358 6.51 21.66 4.09
N PRO A 359 5.71 22.74 4.15
CA PRO A 359 4.29 22.59 3.84
C PRO A 359 3.98 22.74 2.35
N SER A 360 2.70 22.69 2.01
CA SER A 360 2.29 23.03 0.66
C SER A 360 2.79 24.41 0.27
N THR A 361 3.07 24.60 -1.00
CA THR A 361 3.53 25.88 -1.52
C THR A 361 2.37 26.83 -1.82
N ASN A 362 1.14 26.46 -1.49
CA ASN A 362 0.03 27.39 -1.58
C ASN A 362 0.31 28.56 -0.62
N PRO A 363 0.31 29.81 -1.10
CA PRO A 363 0.77 30.92 -0.24
C PRO A 363 -0.05 31.19 1.00
N ILE A 364 -1.19 30.50 1.20
CA ILE A 364 -1.97 30.75 2.41
C ILE A 364 -1.34 30.14 3.65
N TYR A 365 -0.33 29.29 3.49
CA TYR A 365 0.37 28.66 4.61
C TYR A 365 1.75 29.28 4.78
N ASP A 366 2.23 29.30 6.02
CA ASP A 366 3.55 29.83 6.32
C ASP A 366 4.62 28.94 5.69
N GLN A 367 5.34 29.48 4.71
CA GLN A 367 6.39 28.73 4.02
C GLN A 367 7.67 28.61 4.84
N SER A 368 7.79 29.35 5.95
CA SER A 368 8.96 29.27 6.80
C SER A 368 8.95 28.05 7.72
N GLN A 369 7.84 27.31 7.77
CA GLN A 369 7.72 26.21 8.71
C GLN A 369 8.67 25.08 8.34
N ARG A 370 9.22 24.44 9.37
CA ARG A 370 10.05 23.25 9.19
C ARG A 370 9.64 22.25 10.26
N LEU A 371 9.13 21.10 9.83
CA LEU A 371 8.53 20.11 10.71
C LEU A 371 9.41 18.87 10.77
N LYS A 372 9.56 18.32 11.98
CA LYS A 372 10.26 17.08 12.21
C LYS A 372 9.31 16.08 12.84
N GLU A 373 9.37 14.83 12.40
CA GLU A 373 8.52 13.78 12.94
C GLU A 373 9.33 12.50 13.08
N SER A 374 9.05 11.75 14.15
CA SER A 374 9.76 10.52 14.44
C SER A 374 8.75 9.48 14.89
N ALA A 375 9.22 8.24 15.06
CA ALA A 375 8.35 7.14 15.45
C ALA A 375 9.19 5.93 15.80
N TRP A 376 8.60 5.04 16.59
CA TRP A 376 9.20 3.73 16.85
C TRP A 376 8.08 2.72 16.98
N SER A 377 8.40 1.46 16.65
CA SER A 377 7.42 0.39 16.68
C SER A 377 8.07 -0.87 17.25
N LEU A 378 7.23 -1.74 17.80
CA LEU A 378 7.64 -3.05 18.28
C LEU A 378 6.72 -4.10 17.67
N ASP A 379 7.30 -5.17 17.14
CA ASP A 379 6.55 -6.19 16.42
C ASP A 379 6.85 -7.55 17.03
N ALA A 380 5.80 -8.34 17.24
CA ALA A 380 5.91 -9.74 17.62
C ALA A 380 5.15 -10.56 16.58
N MET A 381 5.75 -11.64 16.11
CA MET A 381 5.18 -12.45 15.05
C MET A 381 5.32 -13.92 15.41
N TYR A 382 4.33 -14.71 14.98
CA TYR A 382 4.37 -16.16 15.21
C TYR A 382 3.58 -16.85 14.11
N THR A 383 4.24 -17.77 13.40
CA THR A 383 3.59 -18.64 12.43
C THR A 383 3.50 -20.03 13.03
N ILE A 384 2.27 -20.54 13.16
CA ILE A 384 2.08 -21.83 13.82
C ILE A 384 2.78 -22.93 13.04
N GLN A 385 3.49 -23.79 13.75
CA GLN A 385 4.17 -24.94 13.16
C GLN A 385 3.39 -26.23 13.34
N GLU A 386 2.58 -26.34 14.39
CA GLU A 386 1.77 -27.52 14.64
C GLU A 386 0.85 -27.83 13.46
N GLY A 387 0.12 -28.94 13.55
CA GLY A 387 -0.66 -29.43 12.43
C GLY A 387 -1.98 -28.72 12.20
N ARG A 388 -2.85 -28.70 13.22
CA ARG A 388 -4.23 -28.25 13.01
C ARG A 388 -4.27 -26.86 12.38
N ALA A 389 -3.74 -25.86 13.08
CA ALA A 389 -3.65 -24.50 12.54
C ALA A 389 -2.33 -24.24 11.86
N LYS A 390 -1.83 -25.20 11.09
CA LYS A 390 -0.57 -25.04 10.37
C LYS A 390 -0.64 -23.82 9.46
N GLY A 391 0.37 -22.96 9.53
CA GLY A 391 0.49 -21.82 8.66
C GLY A 391 -0.23 -20.57 9.13
N THR A 392 -1.03 -20.66 10.19
CA THR A 392 -1.73 -19.48 10.69
C THR A 392 -0.72 -18.50 11.27
N LEU A 393 -0.84 -17.23 10.86
CA LEU A 393 0.08 -16.18 11.27
C LEU A 393 -0.56 -15.32 12.35
N ILE A 394 0.20 -15.03 13.40
CA ILE A 394 -0.21 -14.15 14.49
C ILE A 394 0.79 -13.01 14.56
N LYS A 395 0.30 -11.78 14.50
CA LYS A 395 1.16 -10.60 14.50
C LYS A 395 0.59 -9.55 15.45
N LEU A 396 1.44 -9.04 16.34
CA LEU A 396 1.11 -7.94 17.23
C LEU A 396 2.03 -6.77 16.89
N HIS A 397 1.44 -5.63 16.56
CA HIS A 397 2.19 -4.46 16.13
C HIS A 397 1.81 -3.27 16.99
N TYR A 398 2.81 -2.60 17.56
CA TYR A 398 2.61 -1.40 18.36
C TYR A 398 3.50 -0.28 17.82
N THR A 399 2.95 0.93 17.78
CA THR A 399 3.68 2.08 17.24
C THR A 399 3.40 3.31 18.10
N GLN A 400 4.44 4.11 18.31
CA GLN A 400 4.33 5.40 18.98
C GLN A 400 4.89 6.45 18.04
N TYR A 401 4.04 7.33 17.56
CA TYR A 401 4.41 8.34 16.57
C TYR A 401 4.42 9.72 17.23
N ASP A 402 5.47 10.50 16.96
CA ASP A 402 5.65 11.81 17.57
C ASP A 402 5.72 12.88 16.49
N ASN A 403 4.79 13.83 16.56
CA ASN A 403 4.83 15.06 15.75
C ASN A 403 5.43 16.16 16.60
N HIS A 404 6.58 16.69 16.17
CA HIS A 404 7.34 17.65 16.97
C HIS A 404 6.88 19.09 16.76
N THR A 405 5.61 19.31 16.44
CA THR A 405 5.02 20.64 16.40
C THR A 405 3.75 20.62 17.24
N ASN A 406 3.08 21.78 17.29
CA ASN A 406 1.75 21.89 17.86
C ASN A 406 0.70 22.16 16.78
N ILE A 407 1.05 21.98 15.52
CA ILE A 407 0.06 22.17 14.45
C ILE A 407 -1.04 21.13 14.60
N PRO A 408 -2.32 21.51 14.61
CA PRO A 408 -3.38 20.50 14.62
C PRO A 408 -3.27 19.60 13.42
N SER A 409 -3.81 18.39 13.57
CA SER A 409 -3.74 17.39 12.50
C SER A 409 -4.30 17.97 11.21
N TRP A 410 -3.56 17.76 10.12
CA TRP A 410 -3.93 18.12 8.75
C TRP A 410 -3.78 19.61 8.48
N GLY A 411 -3.34 20.41 9.44
CA GLY A 411 -3.29 21.85 9.28
C GLY A 411 -1.90 22.37 8.99
N GLY A 412 -1.80 23.70 8.94
CA GLY A 412 -0.53 24.36 8.69
C GLY A 412 0.03 24.18 7.30
N GLY A 413 -0.72 23.57 6.39
CA GLY A 413 -0.21 23.23 5.07
C GLY A 413 0.36 21.84 4.95
N TYR A 414 0.41 21.08 6.05
CA TYR A 414 0.82 19.68 6.02
C TYR A 414 -0.43 18.83 5.91
N GLY A 415 -0.98 18.76 4.70
CA GLY A 415 -2.25 18.13 4.47
C GLY A 415 -2.28 16.63 4.72
N ASN A 416 -1.12 15.99 4.85
CA ASN A 416 -1.04 14.54 5.07
C ASN A 416 -0.26 14.20 6.33
N ILE A 417 -0.23 15.10 7.30
CA ILE A 417 0.44 14.86 8.57
C ILE A 417 -0.57 15.05 9.70
N PHE A 418 -0.48 14.20 10.72
CA PHE A 418 -1.36 14.22 11.87
C PHE A 418 -0.52 14.33 13.14
N GLN A 419 -1.18 14.49 14.27
CA GLN A 419 -0.51 14.71 15.55
C GLN A 419 -0.12 13.38 16.18
N ASP A 420 0.50 13.48 17.36
CA ASP A 420 1.05 12.31 18.04
C ASP A 420 0.01 11.19 18.10
N GLU A 421 0.49 9.94 18.01
CA GLU A 421 -0.42 8.81 17.87
C GLU A 421 0.16 7.58 18.55
N LYS A 422 -0.71 6.88 19.28
CA LYS A 422 -0.44 5.55 19.78
C LYS A 422 -1.29 4.55 18.99
N ASP A 423 -0.70 3.44 18.59
CA ASP A 423 -1.42 2.44 17.80
C ASP A 423 -1.00 1.05 18.20
N VAL A 424 -1.98 0.16 18.38
CA VAL A 424 -1.75 -1.26 18.61
C VAL A 424 -2.64 -2.04 17.66
N LYS A 425 -2.06 -2.99 16.94
CA LYS A 425 -2.77 -3.81 15.98
C LYS A 425 -2.54 -5.28 16.31
N PHE A 426 -3.62 -6.05 16.37
CA PHE A 426 -3.55 -7.49 16.59
C PHE A 426 -4.18 -8.19 15.38
N MET A 427 -3.41 -9.05 14.73
CA MET A 427 -3.82 -9.72 13.50
C MET A 427 -3.71 -11.22 13.66
N VAL A 428 -4.65 -11.93 13.05
CA VAL A 428 -4.57 -13.38 12.88
C VAL A 428 -5.02 -13.71 11.47
N ILE A 429 -4.21 -14.48 10.75
CA ILE A 429 -4.47 -14.85 9.37
C ILE A 429 -4.36 -16.37 9.28
N ALA A 430 -5.48 -17.03 9.00
CA ALA A 430 -5.52 -18.49 8.89
C ALA A 430 -5.99 -18.87 7.50
N PRO A 431 -5.11 -19.33 6.61
CA PRO A 431 -5.54 -19.78 5.29
C PRO A 431 -5.96 -21.25 5.30
N PHE A 432 -6.80 -21.60 4.31
CA PHE A 432 -7.28 -22.96 4.17
C PHE A 432 -7.56 -23.26 2.71
N THR A 433 -7.37 -24.52 2.33
CA THR A 433 -7.62 -24.99 0.98
C THR A 433 -8.69 -26.08 1.02
N ILE A 434 -9.74 -25.90 0.22
CA ILE A 434 -10.78 -26.93 0.13
C ILE A 434 -10.37 -28.02 -0.84
N PHE A 435 -10.07 -27.65 -2.09
CA PHE A 435 -9.41 -28.56 -3.02
C PHE A 435 -8.51 -27.74 -3.96
#